data_4EIA
#
_entry.id   4EIA
#
_cell.length_a   113.136
_cell.length_b   113.136
_cell.length_c   56.032
_cell.angle_alpha   90.00
_cell.angle_beta   90.00
_cell.angle_gamma   90.00
#
_symmetry.space_group_name_H-M   'I 41'
#
loop_
_entity.id
_entity.type
_entity.pdbx_description
1 polymer 'Activator of 2-hydroxyisocaproyl-CoA dehydratase'
2 non-polymer 'IRON/SULFUR CLUSTER'
#
_entity_poly.entity_id   1
_entity_poly.type   'polypeptide(L)'
_entity_poly.pdbx_seq_one_letter_code
;MYTMGLDIGSTASKGVILKNGEDIVASETISSGTGTTGPSRVLEKLYGKTGLAREDIKKVVVTGYGRMNYSDADKQISEL
SCHARGVNFIIPETRTIIDIGGQDAKVLKLDNNGRLLNFLMNDKCAAGTGRFLDVMAKIIEVDVSELGSISMNSQNEVSI
SSTCTVFAESEVISHLSENAKIEDIVAGIHTSVAKRVSSLVKRIGVQRNVVMVGGVARNSGIVRAMAREINTEIIVPDIP
QLTGALGAALYAFDEAKESQKEVKNISAWSHPQFEK
;
_entity_poly.pdbx_strand_id   A
#
loop_
_chem_comp.id
_chem_comp.type
_chem_comp.name
_chem_comp.formula
SF4 non-polymer 'IRON/SULFUR CLUSTER' 'Fe4 S4'
#
# COMPACT_ATOMS: atom_id res chain seq x y z
N MET A 1 -1.73 17.51 21.95
CA MET A 1 -0.70 16.82 22.74
C MET A 1 -0.88 15.31 22.84
N TYR A 2 -2.12 14.87 23.00
CA TYR A 2 -2.43 13.44 22.97
C TYR A 2 -3.65 13.22 22.07
N THR A 3 -3.45 12.52 20.96
CA THR A 3 -4.55 12.24 20.03
C THR A 3 -4.71 10.75 19.80
N MET A 4 -5.85 10.35 19.27
CA MET A 4 -6.13 8.93 19.03
C MET A 4 -6.54 8.61 17.58
N GLY A 5 -6.08 7.47 17.07
CA GLY A 5 -6.46 7.05 15.73
C GLY A 5 -7.04 5.65 15.74
N LEU A 6 -8.24 5.51 15.17
CA LEU A 6 -8.91 4.21 15.04
C LEU A 6 -9.20 3.78 13.60
N ASP A 7 -8.88 2.51 13.28
CA ASP A 7 -9.12 1.89 11.96
C ASP A 7 -9.96 0.60 12.17
N ILE A 8 -11.15 0.56 11.56
CA ILE A 8 -12.09 -0.52 11.86
C ILE A 8 -12.49 -1.36 10.66
N GLY A 9 -11.74 -2.43 10.42
CA GLY A 9 -12.01 -3.28 9.27
C GLY A 9 -13.30 -4.05 9.48
N SER A 10 -13.47 -5.13 8.74
CA SER A 10 -14.64 -5.96 8.91
C SER A 10 -14.23 -7.20 9.65
N THR A 11 -12.92 -7.37 9.79
CA THR A 11 -12.34 -8.59 10.31
C THR A 11 -11.39 -8.29 11.44
N ALA A 12 -11.01 -7.01 11.57
CA ALA A 12 -10.07 -6.56 12.59
C ALA A 12 -10.34 -5.12 13.04
N SER A 13 -9.83 -4.78 14.22
CA SER A 13 -9.88 -3.41 14.75
C SER A 13 -8.48 -3.00 15.26
N LYS A 14 -8.06 -1.76 14.96
CA LYS A 14 -6.71 -1.27 15.31
C LYS A 14 -6.77 0.15 15.84
N GLY A 15 -5.91 0.47 16.79
CA GLY A 15 -5.88 1.83 17.31
C GLY A 15 -4.51 2.27 17.76
N VAL A 16 -4.31 3.58 17.76
CA VAL A 16 -3.03 4.17 18.14
C VAL A 16 -3.26 5.40 19.00
N ILE A 17 -2.44 5.58 20.03
CA ILE A 17 -2.39 6.85 20.75
C ILE A 17 -1.05 7.54 20.51
N LEU A 18 -1.11 8.83 20.24
CA LEU A 18 0.03 9.55 19.71
C LEU A 18 0.23 10.88 20.40
N LYS A 19 1.32 10.96 21.14
CA LYS A 19 1.69 12.19 21.84
C LYS A 19 2.35 13.16 20.86
N ASN A 20 1.90 14.42 20.89
CA ASN A 20 2.50 15.48 20.10
C ASN A 20 2.81 15.11 18.64
N GLY A 21 1.99 14.25 18.05
CA GLY A 21 2.17 13.84 16.67
C GLY A 21 3.53 13.23 16.38
N GLU A 22 4.24 12.82 17.43
CA GLU A 22 5.61 12.33 17.27
C GLU A 22 5.82 10.97 17.91
N ASP A 23 5.14 10.71 19.03
CA ASP A 23 5.41 9.50 19.80
C ASP A 23 4.21 8.55 19.91
N ILE A 24 4.30 7.40 19.24
CA ILE A 24 3.33 6.36 19.48
C ILE A 24 3.48 5.94 20.92
N VAL A 25 2.50 6.25 21.74
CA VAL A 25 2.61 5.90 23.15
C VAL A 25 1.99 4.53 23.42
N ALA A 26 1.09 4.10 22.54
CA ALA A 26 0.47 2.78 22.67
C ALA A 26 -0.21 2.35 21.37
N SER A 27 -0.23 1.04 21.12
CA SER A 27 -0.92 0.52 19.95
C SER A 27 -1.53 -0.83 20.26
N GLU A 28 -2.61 -1.16 19.55
CA GLU A 28 -3.26 -2.45 19.77
C GLU A 28 -4.00 -2.91 18.51
N THR A 29 -4.14 -4.23 18.38
CA THR A 29 -4.84 -4.83 17.24
C THR A 29 -5.70 -6.00 17.74
N ILE A 30 -6.95 -6.08 17.29
CA ILE A 30 -7.80 -7.22 17.62
C ILE A 30 -8.47 -7.87 16.41
N SER A 31 -8.41 -9.20 16.33
CA SER A 31 -8.98 -9.97 15.22
C SER A 31 -10.52 -10.01 15.19
N SER A 32 -11.18 -8.90 15.55
CA SER A 32 -12.63 -8.78 15.45
C SER A 32 -12.99 -7.40 14.91
N GLY A 33 -14.01 -7.32 14.04
CA GLY A 33 -14.28 -6.09 13.30
C GLY A 33 -15.60 -5.39 13.55
N THR A 34 -15.92 -4.40 12.71
CA THR A 34 -17.25 -3.74 12.64
C THR A 34 -18.42 -4.57 13.17
N GLY A 35 -19.07 -4.07 14.23
CA GLY A 35 -20.25 -4.72 14.78
C GLY A 35 -19.97 -5.75 15.88
N THR A 36 -18.73 -5.81 16.33
CA THR A 36 -18.35 -6.66 17.45
C THR A 36 -17.72 -5.87 18.59
N THR A 37 -17.34 -6.61 19.63
CA THR A 37 -16.60 -6.07 20.77
C THR A 37 -15.21 -5.55 20.36
N GLY A 38 -14.69 -6.07 19.26
CA GLY A 38 -13.36 -5.70 18.80
C GLY A 38 -12.98 -4.27 19.10
N PRO A 39 -13.78 -3.28 18.63
CA PRO A 39 -13.32 -1.90 18.78
C PRO A 39 -13.32 -1.45 20.24
N SER A 40 -14.28 -1.93 21.04
CA SER A 40 -14.28 -1.69 22.48
C SER A 40 -13.00 -2.23 23.11
N ARG A 41 -12.66 -3.46 22.79
CA ARG A 41 -11.44 -4.08 23.30
C ARG A 41 -10.14 -3.36 22.87
N VAL A 42 -10.18 -2.68 21.74
CA VAL A 42 -9.01 -1.88 21.40
C VAL A 42 -8.89 -0.73 22.37
N LEU A 43 -9.99 -0.03 22.60
CA LEU A 43 -10.01 1.11 23.51
C LEU A 43 -9.53 0.75 24.93
N GLU A 44 -10.04 -0.34 25.48
CA GLU A 44 -9.63 -0.76 26.82
C GLU A 44 -8.10 -0.85 26.86
N LYS A 45 -7.56 -1.62 25.92
CA LYS A 45 -6.13 -1.86 25.84
C LYS A 45 -5.36 -0.56 25.74
N LEU A 46 -5.93 0.44 25.08
CA LEU A 46 -5.23 1.68 24.89
C LEU A 46 -5.32 2.53 26.12
N TYR A 47 -6.49 2.52 26.76
CA TYR A 47 -6.71 3.40 27.89
C TYR A 47 -6.06 2.81 29.12
N GLY A 48 -5.99 1.49 29.15
CA GLY A 48 -5.42 0.75 30.27
C GLY A 48 -3.90 0.76 30.36
N LYS A 49 -3.21 0.61 29.23
CA LYS A 49 -1.75 0.66 29.30
C LYS A 49 -1.23 2.10 29.36
N THR A 50 -2.07 3.05 28.99
CA THR A 50 -1.67 4.45 29.16
C THR A 50 -2.02 5.06 30.54
N GLY A 51 -3.17 4.69 31.11
CA GLY A 51 -3.66 5.32 32.33
C GLY A 51 -4.35 6.66 32.13
N LEU A 52 -4.45 7.09 30.87
CA LEU A 52 -5.17 8.31 30.49
C LEU A 52 -6.71 8.27 30.62
N ALA A 53 -7.30 9.46 30.62
CA ALA A 53 -8.75 9.68 30.73
C ALA A 53 -9.31 10.31 29.47
N ARG A 54 -10.58 10.05 29.20
CA ARG A 54 -11.17 10.49 27.94
C ARG A 54 -10.93 11.98 27.69
N GLU A 55 -10.84 12.75 28.77
CA GLU A 55 -10.59 14.18 28.66
C GLU A 55 -9.22 14.51 28.08
N ASP A 56 -8.30 13.54 28.19
CA ASP A 56 -6.90 13.73 27.77
C ASP A 56 -6.69 13.60 26.27
N ILE A 57 -7.54 12.79 25.63
CA ILE A 57 -7.59 12.64 24.18
C ILE A 57 -8.37 13.82 23.54
N LYS A 58 -7.65 14.69 22.82
CA LYS A 58 -8.24 15.93 22.31
C LYS A 58 -9.15 15.71 21.11
N LYS A 59 -8.73 14.80 20.24
CA LYS A 59 -9.47 14.51 19.03
C LYS A 59 -9.31 13.03 18.74
N VAL A 60 -10.38 12.41 18.23
CA VAL A 60 -10.31 11.06 17.71
C VAL A 60 -10.66 11.12 16.23
N VAL A 61 -9.94 10.36 15.41
CA VAL A 61 -10.33 10.18 14.02
C VAL A 61 -10.45 8.69 13.74
N VAL A 62 -11.47 8.30 12.99
CA VAL A 62 -11.66 6.90 12.65
C VAL A 62 -11.73 6.72 11.15
N THR A 63 -11.22 5.60 10.68
CA THR A 63 -11.16 5.29 9.26
C THR A 63 -11.47 3.80 9.12
N GLY A 64 -11.54 3.28 7.89
CA GLY A 64 -11.86 1.88 7.67
C GLY A 64 -13.27 1.64 7.11
N TYR A 65 -13.46 0.42 6.57
CA TYR A 65 -14.73 0.00 6.03
C TYR A 65 -15.94 0.41 6.92
N GLY A 66 -15.83 0.13 8.22
CA GLY A 66 -16.91 0.43 9.15
C GLY A 66 -16.85 1.77 9.87
N ARG A 67 -16.07 2.72 9.34
CA ARG A 67 -15.94 4.03 9.98
C ARG A 67 -17.26 4.81 10.14
N MET A 68 -18.28 4.43 9.37
CA MET A 68 -19.52 5.19 9.39
C MET A 68 -20.41 4.66 10.53
N ASN A 69 -20.01 3.52 11.08
CA ASN A 69 -20.73 2.88 12.17
C ASN A 69 -20.39 3.42 13.56
N TYR A 70 -19.38 4.28 13.64
CA TYR A 70 -18.80 4.61 14.92
C TYR A 70 -18.97 6.09 15.22
N SER A 71 -19.58 6.39 16.37
CA SER A 71 -20.13 7.71 16.66
C SER A 71 -19.19 8.60 17.46
N ASP A 72 -18.80 8.14 18.65
CA ASP A 72 -17.91 8.90 19.52
C ASP A 72 -16.59 9.15 18.82
N ALA A 73 -16.59 10.11 17.91
CA ALA A 73 -15.43 10.37 17.09
C ALA A 73 -15.57 11.74 16.48
N ASP A 74 -14.49 12.50 16.54
CA ASP A 74 -14.52 13.86 16.03
C ASP A 74 -14.59 13.91 14.49
N LYS A 75 -14.07 12.87 13.83
CA LYS A 75 -14.04 12.86 12.35
C LYS A 75 -13.92 11.46 11.71
N GLN A 76 -14.38 11.34 10.48
CA GLN A 76 -14.17 10.13 9.70
C GLN A 76 -13.42 10.52 8.43
N ILE A 77 -12.30 9.84 8.20
CA ILE A 77 -11.41 10.13 7.08
C ILE A 77 -11.18 8.85 6.29
N SER A 78 -10.84 8.99 5.02
CA SER A 78 -10.74 7.80 4.18
C SER A 78 -9.54 6.95 4.57
N GLU A 79 -9.60 5.67 4.21
CA GLU A 79 -8.49 4.75 4.49
C GLU A 79 -7.33 5.02 3.57
N LEU A 80 -7.66 5.41 2.33
CA LEU A 80 -6.64 5.77 1.37
C LEU A 80 -5.82 6.95 1.87
N SER A 81 -6.52 7.99 2.30
CA SER A 81 -5.85 9.17 2.83
C SER A 81 -5.02 8.77 4.05
N CYS A 82 -5.72 8.19 5.04
CA CYS A 82 -5.12 7.78 6.31
C CYS A 82 -3.91 6.86 6.16
N HIS A 83 -4.11 5.77 5.42
CA HIS A 83 -3.06 4.79 5.27
C HIS A 83 -1.73 5.44 4.77
N ALA A 84 -1.84 6.24 3.74
CA ALA A 84 -0.69 6.91 3.17
C ALA A 84 -0.03 7.77 4.20
N ARG A 85 -0.84 8.50 4.96
CA ARG A 85 -0.35 9.44 5.94
C ARG A 85 0.57 8.72 6.95
N GLY A 86 0.21 7.49 7.28
CA GLY A 86 1.01 6.67 8.15
C GLY A 86 2.29 6.21 7.49
N VAL A 87 2.20 5.77 6.22
CA VAL A 87 3.40 5.35 5.50
C VAL A 87 4.52 6.40 5.52
N ASN A 88 4.14 7.67 5.39
CA ASN A 88 5.11 8.75 5.45
C ASN A 88 5.70 8.89 6.86
N PHE A 89 4.89 8.58 7.88
CA PHE A 89 5.37 8.54 9.27
C PHE A 89 6.47 7.51 9.41
N ILE A 90 6.39 6.45 8.64
CA ILE A 90 7.42 5.42 8.62
C ILE A 90 8.62 5.80 7.73
N ILE A 91 8.38 6.34 6.56
CA ILE A 91 9.47 6.81 5.71
C ILE A 91 9.31 8.28 5.39
N PRO A 92 9.88 9.15 6.24
CA PRO A 92 9.72 10.59 6.08
C PRO A 92 10.15 11.09 4.70
N GLU A 93 9.53 12.20 4.26
CA GLU A 93 9.86 12.83 2.99
C GLU A 93 9.33 12.01 1.82
N THR A 94 8.42 11.09 2.11
CA THR A 94 7.73 10.33 1.06
C THR A 94 6.80 11.27 0.30
N ARG A 95 6.82 11.19 -1.03
CA ARG A 95 6.00 12.05 -1.87
C ARG A 95 5.30 11.29 -2.99
N THR A 96 5.60 10.00 -3.11
CA THR A 96 5.11 9.19 -4.22
C THR A 96 4.99 7.72 -3.79
N ILE A 97 3.78 7.22 -3.76
CA ILE A 97 3.53 5.86 -3.31
C ILE A 97 3.02 5.02 -4.48
N ILE A 98 3.47 3.78 -4.58
CA ILE A 98 3.05 2.93 -5.69
C ILE A 98 2.40 1.60 -5.27
N ASP A 99 1.06 1.53 -5.40
CA ASP A 99 0.31 0.35 -4.94
C ASP A 99 -0.17 -0.51 -6.08
N ILE A 100 0.60 -1.52 -6.41
CA ILE A 100 0.18 -2.51 -7.38
C ILE A 100 -0.62 -3.56 -6.64
N GLY A 101 -1.93 -3.57 -6.87
CA GLY A 101 -2.83 -4.46 -6.17
C GLY A 101 -3.03 -5.75 -6.93
N GLY A 102 -3.94 -6.58 -6.44
CA GLY A 102 -4.29 -7.81 -7.14
C GLY A 102 -5.11 -7.57 -8.40
N GLN A 103 -5.94 -6.53 -8.38
CA GLN A 103 -6.83 -6.22 -9.50
C GLN A 103 -6.79 -4.75 -9.92
N ASP A 104 -5.84 -4.00 -9.38
CA ASP A 104 -5.75 -2.56 -9.62
C ASP A 104 -4.32 -2.06 -9.39
N ALA A 105 -4.05 -0.82 -9.80
CA ALA A 105 -2.79 -0.14 -9.48
C ALA A 105 -3.01 1.36 -9.26
N LYS A 106 -2.41 1.91 -8.21
CA LYS A 106 -2.56 3.33 -7.96
C LYS A 106 -1.23 4.01 -7.64
N VAL A 107 -1.04 5.20 -8.19
CA VAL A 107 0.07 6.03 -7.80
C VAL A 107 -0.41 7.27 -7.04
N LEU A 108 0.17 7.51 -5.86
CA LEU A 108 -0.24 8.65 -5.03
C LEU A 108 0.86 9.69 -4.89
N LYS A 109 0.53 10.97 -5.09
CA LYS A 109 1.42 12.10 -4.80
C LYS A 109 1.08 12.71 -3.44
N LEU A 110 2.10 13.04 -2.64
CA LEU A 110 1.88 13.53 -1.28
C LEU A 110 2.46 14.90 -0.98
N ASP A 111 1.89 15.51 0.06
CA ASP A 111 2.33 16.76 0.69
C ASP A 111 3.76 16.71 1.25
N ASN A 112 4.38 17.88 1.41
CA ASN A 112 5.60 17.97 2.21
C ASN A 112 5.37 17.40 3.61
N ASN A 113 4.10 17.20 3.97
CA ASN A 113 3.70 16.72 5.30
C ASN A 113 3.22 15.27 5.30
N GLY A 114 3.04 14.72 4.11
CA GLY A 114 2.65 13.33 4.01
C GLY A 114 1.16 13.21 3.84
N ARG A 115 0.54 14.27 3.32
CA ARG A 115 -0.90 14.33 3.15
C ARG A 115 -1.18 14.18 1.69
N LEU A 116 -2.11 13.27 1.34
CA LEU A 116 -2.49 13.02 -0.06
C LEU A 116 -2.87 14.30 -0.81
N LEU A 117 -2.26 14.49 -1.98
CA LEU A 117 -2.57 15.60 -2.86
C LEU A 117 -3.47 15.26 -4.07
N ASN A 118 -3.08 14.21 -4.80
CA ASN A 118 -3.85 13.74 -5.93
C ASN A 118 -3.35 12.36 -6.32
N PHE A 119 -4.09 11.62 -7.14
CA PHE A 119 -3.65 10.28 -7.44
C PHE A 119 -4.33 9.71 -8.68
N LEU A 120 -3.77 8.60 -9.21
CA LEU A 120 -4.28 7.94 -10.41
C LEU A 120 -4.47 6.49 -10.14
N MET A 121 -5.62 5.98 -10.57
CA MET A 121 -6.01 4.60 -10.32
C MET A 121 -6.27 3.95 -11.68
N ASN A 122 -5.80 2.71 -11.84
CA ASN A 122 -6.33 1.83 -12.87
C ASN A 122 -7.06 0.60 -12.29
N ASP A 123 -8.34 0.48 -12.64
CA ASP A 123 -9.21 -0.57 -12.13
C ASP A 123 -9.90 -1.32 -13.25
N LYS A 124 -9.78 -0.79 -14.47
CA LYS A 124 -10.50 -1.33 -15.63
C LYS A 124 -9.70 -2.31 -16.49
N CYS A 125 -8.38 -2.17 -16.48
CA CYS A 125 -7.50 -2.99 -17.31
C CYS A 125 -6.77 -4.01 -16.47
N ALA A 126 -6.67 -5.24 -16.96
CA ALA A 126 -5.99 -6.31 -16.22
C ALA A 126 -4.48 -6.22 -16.35
N ALA A 127 -4.01 -5.55 -17.39
CA ALA A 127 -2.59 -5.40 -17.60
C ALA A 127 -2.06 -4.34 -16.64
N GLY A 128 -0.80 -4.47 -16.27
CA GLY A 128 -0.21 -3.57 -15.31
C GLY A 128 -0.82 -3.70 -13.93
N THR A 129 -1.34 -4.88 -13.60
CA THR A 129 -1.88 -5.18 -12.27
C THR A 129 -1.49 -6.56 -11.77
N GLY A 130 -1.98 -6.90 -10.59
CA GLY A 130 -1.76 -8.22 -10.03
C GLY A 130 -2.15 -9.32 -10.98
N ARG A 131 -3.40 -9.31 -11.45
CA ARG A 131 -3.88 -10.47 -12.20
C ARG A 131 -3.04 -10.81 -13.40
N PHE A 132 -2.43 -9.80 -14.00
CA PHE A 132 -1.51 -10.03 -15.11
C PHE A 132 -0.50 -11.08 -14.71
N LEU A 133 -0.11 -11.08 -13.43
CA LEU A 133 0.88 -12.01 -12.92
C LEU A 133 0.31 -13.40 -12.59
N ASP A 134 -0.97 -13.46 -12.18
CA ASP A 134 -1.59 -14.77 -11.97
C ASP A 134 -1.61 -15.56 -13.27
N VAL A 135 -2.13 -14.92 -14.30
CA VAL A 135 -2.23 -15.51 -15.61
C VAL A 135 -0.92 -16.15 -16.03
N MET A 136 0.10 -15.32 -16.24
CA MET A 136 1.35 -15.82 -16.79
C MET A 136 1.94 -16.94 -15.96
N ALA A 137 1.69 -16.90 -14.66
CA ALA A 137 2.25 -17.91 -13.76
C ALA A 137 1.62 -19.26 -14.05
N LYS A 138 0.29 -19.28 -14.12
CA LYS A 138 -0.43 -20.51 -14.40
C LYS A 138 0.06 -21.18 -15.68
N ILE A 139 0.36 -20.37 -16.70
CA ILE A 139 0.78 -20.87 -18.00
C ILE A 139 2.10 -21.65 -17.96
N ILE A 140 3.09 -21.11 -17.27
CA ILE A 140 4.37 -21.80 -17.11
C ILE A 140 4.38 -22.67 -15.85
N GLU A 141 3.19 -22.93 -15.32
CA GLU A 141 3.02 -23.80 -14.16
C GLU A 141 4.00 -23.50 -13.02
N VAL A 142 3.90 -22.30 -12.46
CA VAL A 142 4.72 -21.90 -11.31
C VAL A 142 3.89 -21.06 -10.33
N ASP A 143 4.29 -21.06 -9.06
CA ASP A 143 3.65 -20.25 -8.03
C ASP A 143 4.12 -18.80 -8.14
N VAL A 144 3.18 -17.88 -7.96
CA VAL A 144 3.42 -16.44 -8.06
C VAL A 144 4.51 -15.87 -7.12
N SER A 145 4.57 -16.35 -5.88
CA SER A 145 5.58 -15.86 -4.94
C SER A 145 6.97 -16.39 -5.26
N GLU A 146 7.03 -17.51 -5.97
CA GLU A 146 8.30 -18.11 -6.36
C GLU A 146 8.94 -17.27 -7.47
N LEU A 147 8.17 -16.31 -7.96
CA LEU A 147 8.49 -15.58 -9.19
C LEU A 147 9.69 -14.65 -9.12
N GLY A 148 9.68 -13.75 -8.14
CA GLY A 148 10.70 -12.72 -8.02
C GLY A 148 12.12 -13.24 -8.01
N SER A 149 12.31 -14.45 -7.49
CA SER A 149 13.65 -15.02 -7.35
C SER A 149 14.16 -15.66 -8.64
N ILE A 150 13.28 -16.37 -9.35
CA ILE A 150 13.62 -16.93 -10.67
C ILE A 150 14.30 -15.88 -11.54
N SER A 151 13.70 -14.68 -11.54
CA SER A 151 14.11 -13.58 -12.39
C SER A 151 15.50 -13.00 -12.08
N MET A 152 16.08 -13.37 -10.94
CA MET A 152 17.40 -12.87 -10.52
C MET A 152 18.46 -13.19 -11.57
N ASN A 153 18.54 -14.47 -11.94
CA ASN A 153 19.60 -14.94 -12.83
C ASN A 153 19.21 -14.84 -14.30
N SER A 154 18.68 -13.67 -14.68
CA SER A 154 18.35 -13.43 -16.07
C SER A 154 19.64 -13.16 -16.84
N GLN A 155 19.77 -13.75 -18.03
CA GLN A 155 20.96 -13.58 -18.85
C GLN A 155 20.69 -12.76 -20.11
N ASN A 156 19.66 -13.16 -20.84
CA ASN A 156 19.09 -12.30 -21.86
C ASN A 156 17.76 -11.82 -21.31
N GLU A 157 16.86 -11.39 -22.17
CA GLU A 157 15.55 -10.94 -21.72
C GLU A 157 14.54 -11.05 -22.84
N VAL A 158 13.60 -11.96 -22.67
CA VAL A 158 12.46 -12.09 -23.58
C VAL A 158 11.68 -10.78 -23.70
N SER A 159 11.83 -10.09 -24.82
CA SER A 159 11.08 -8.85 -25.04
C SER A 159 9.68 -9.14 -25.58
N ILE A 160 8.69 -8.51 -24.96
CA ILE A 160 7.28 -8.66 -25.33
C ILE A 160 6.77 -7.45 -26.10
N SER A 161 5.81 -7.69 -26.97
CA SER A 161 5.18 -6.60 -27.71
C SER A 161 3.76 -6.35 -27.20
N SER A 162 3.00 -7.43 -27.08
CA SER A 162 1.65 -7.35 -26.54
C SER A 162 1.64 -6.50 -25.27
N THR A 163 0.66 -5.60 -25.16
CA THR A 163 0.41 -4.88 -23.90
C THR A 163 -0.84 -5.38 -23.21
N CYS A 164 -1.81 -5.87 -24.00
CA CYS A 164 -3.03 -6.49 -23.47
C CYS A 164 -2.72 -7.85 -22.86
N THR A 165 -3.47 -8.21 -21.83
CA THR A 165 -3.20 -9.41 -21.06
C THR A 165 -3.45 -10.66 -21.90
N VAL A 166 -4.59 -10.68 -22.57
CA VAL A 166 -4.96 -11.85 -23.36
C VAL A 166 -3.93 -12.10 -24.43
N PHE A 167 -3.76 -11.13 -25.31
CA PHE A 167 -2.77 -11.24 -26.38
C PHE A 167 -1.45 -11.80 -25.82
N ALA A 168 -0.91 -11.14 -24.81
CA ALA A 168 0.33 -11.57 -24.16
C ALA A 168 0.29 -13.04 -23.72
N GLU A 169 -0.85 -13.49 -23.20
CA GLU A 169 -0.99 -14.86 -22.71
C GLU A 169 -0.71 -15.90 -23.80
N SER A 170 -0.82 -15.49 -25.05
CA SER A 170 -0.41 -16.33 -26.16
C SER A 170 1.10 -16.19 -26.35
N GLU A 171 1.54 -14.93 -26.38
CA GLU A 171 2.92 -14.57 -26.71
C GLU A 171 3.97 -15.27 -25.83
N VAL A 172 3.59 -15.64 -24.62
CA VAL A 172 4.51 -16.35 -23.73
C VAL A 172 4.49 -17.86 -23.99
N ILE A 173 3.34 -18.35 -24.45
CA ILE A 173 3.23 -19.74 -24.87
C ILE A 173 4.06 -19.96 -26.14
N SER A 174 4.19 -18.91 -26.95
CA SER A 174 5.00 -18.98 -28.16
C SER A 174 6.51 -18.97 -27.85
N HIS A 175 6.88 -18.25 -26.79
CA HIS A 175 8.27 -18.23 -26.31
C HIS A 175 8.56 -19.50 -25.52
N LEU A 176 7.51 -20.02 -24.89
CA LEU A 176 7.59 -21.25 -24.10
C LEU A 176 7.81 -22.45 -25.03
N SER A 177 7.02 -22.49 -26.10
CA SER A 177 7.09 -23.55 -27.11
C SER A 177 8.52 -23.71 -27.65
N GLU A 178 9.17 -22.60 -27.95
CA GLU A 178 10.54 -22.60 -28.42
C GLU A 178 11.46 -23.11 -27.32
N ASN A 179 11.05 -22.88 -26.06
CA ASN A 179 11.78 -23.33 -24.89
C ASN A 179 12.95 -22.42 -24.53
N ALA A 180 12.64 -21.16 -24.22
CA ALA A 180 13.66 -20.20 -23.78
C ALA A 180 13.86 -20.33 -22.27
N LYS A 181 14.91 -19.70 -21.75
CA LYS A 181 15.20 -19.76 -20.32
C LYS A 181 14.20 -18.93 -19.51
N ILE A 182 13.61 -19.55 -18.49
CA ILE A 182 12.54 -18.91 -17.73
C ILE A 182 12.95 -17.57 -17.12
N GLU A 183 14.21 -17.45 -16.70
CA GLU A 183 14.72 -16.21 -16.12
C GLU A 183 14.73 -15.08 -17.14
N ASP A 184 14.76 -15.42 -18.42
CA ASP A 184 14.60 -14.44 -19.49
C ASP A 184 13.13 -14.06 -19.67
N ILE A 185 12.24 -15.04 -19.58
CA ILE A 185 10.81 -14.79 -19.78
C ILE A 185 10.20 -14.02 -18.59
N VAL A 186 10.49 -14.50 -17.39
CA VAL A 186 9.98 -13.84 -16.20
C VAL A 186 10.51 -12.40 -16.15
N ALA A 187 11.72 -12.18 -16.65
CA ALA A 187 12.29 -10.83 -16.73
C ALA A 187 11.53 -9.90 -17.71
N GLY A 188 10.84 -10.48 -18.69
CA GLY A 188 10.14 -9.71 -19.70
C GLY A 188 8.66 -9.52 -19.37
N ILE A 189 8.18 -10.35 -18.46
CA ILE A 189 6.84 -10.18 -17.91
C ILE A 189 6.90 -9.05 -16.90
N HIS A 190 7.89 -9.09 -16.03
CA HIS A 190 8.10 -8.05 -15.05
C HIS A 190 8.21 -6.73 -15.79
N THR A 191 8.92 -6.72 -16.90
CA THR A 191 9.09 -5.51 -17.70
C THR A 191 7.75 -4.98 -18.23
N SER A 192 6.83 -5.90 -18.55
CA SER A 192 5.49 -5.54 -18.99
C SER A 192 4.78 -4.65 -17.98
N VAL A 193 4.50 -5.24 -16.82
CA VAL A 193 3.80 -4.55 -15.73
C VAL A 193 4.51 -3.25 -15.38
N ALA A 194 5.84 -3.33 -15.25
CA ALA A 194 6.68 -2.16 -15.01
C ALA A 194 6.40 -1.04 -16.03
N LYS A 195 6.45 -1.38 -17.31
CA LYS A 195 6.15 -0.38 -18.34
C LYS A 195 4.74 0.20 -18.16
N ARG A 196 3.77 -0.63 -17.80
CA ARG A 196 2.39 -0.16 -17.60
C ARG A 196 2.29 0.92 -16.51
N VAL A 197 2.43 0.49 -15.27
CA VAL A 197 2.43 1.40 -14.12
C VAL A 197 3.36 2.63 -14.30
N SER A 198 4.46 2.45 -15.03
CA SER A 198 5.37 3.54 -15.29
C SER A 198 4.63 4.70 -15.92
N SER A 199 3.67 4.39 -16.79
CA SER A 199 2.91 5.40 -17.50
C SER A 199 2.08 6.25 -16.55
N LEU A 200 1.39 5.58 -15.63
CA LEU A 200 0.69 6.25 -14.53
C LEU A 200 1.65 7.12 -13.75
N VAL A 201 2.81 6.55 -13.41
CA VAL A 201 3.82 7.29 -12.69
C VAL A 201 4.28 8.48 -13.51
N LYS A 202 4.46 8.26 -14.80
CA LYS A 202 4.92 9.33 -15.67
C LYS A 202 3.90 10.47 -15.63
N ARG A 203 2.62 10.12 -15.76
CA ARG A 203 1.53 11.12 -15.85
C ARG A 203 1.41 11.96 -14.58
N ILE A 204 1.56 11.29 -13.45
CA ILE A 204 1.38 11.93 -12.16
C ILE A 204 2.62 12.74 -11.73
N GLY A 205 3.79 12.28 -12.13
CA GLY A 205 5.03 12.97 -11.85
C GLY A 205 5.77 12.42 -10.66
N VAL A 206 6.94 11.85 -10.92
CA VAL A 206 7.83 11.36 -9.86
C VAL A 206 8.39 12.50 -8.99
N GLN A 207 8.76 12.14 -7.77
CA GLN A 207 9.22 13.07 -6.76
C GLN A 207 9.51 12.25 -5.52
N ARG A 208 10.80 12.12 -5.18
CA ARG A 208 11.20 11.24 -4.10
C ARG A 208 10.95 11.89 -2.74
N ASN A 209 10.86 11.06 -1.69
CA ASN A 209 11.11 9.63 -1.78
C ASN A 209 9.98 8.81 -2.40
N VAL A 210 10.36 7.77 -3.13
CA VAL A 210 9.40 6.90 -3.79
C VAL A 210 9.34 5.54 -3.10
N VAL A 211 8.17 5.25 -2.51
CA VAL A 211 7.95 4.04 -1.71
C VAL A 211 7.03 3.12 -2.48
N MET A 212 7.24 1.82 -2.36
CA MET A 212 6.38 0.85 -3.04
C MET A 212 5.61 -0.04 -2.06
N VAL A 213 4.30 -0.16 -2.30
CA VAL A 213 3.41 -0.89 -1.40
C VAL A 213 2.58 -1.96 -2.14
N GLY A 214 2.00 -2.86 -1.36
CA GLY A 214 1.17 -3.93 -1.90
C GLY A 214 1.80 -5.30 -1.78
N GLY A 215 1.00 -6.34 -1.99
CA GLY A 215 1.51 -7.69 -1.99
C GLY A 215 2.48 -7.90 -3.13
N VAL A 216 2.16 -7.28 -4.27
CA VAL A 216 2.99 -7.36 -5.45
C VAL A 216 4.39 -6.79 -5.22
N ALA A 217 4.53 -5.94 -4.21
CA ALA A 217 5.77 -5.25 -3.97
C ALA A 217 6.82 -6.14 -3.31
N ARG A 218 6.49 -7.40 -3.09
CA ARG A 218 7.47 -8.27 -2.46
C ARG A 218 8.24 -9.01 -3.53
N ASN A 219 7.68 -9.00 -4.72
CA ASN A 219 8.35 -9.53 -5.90
C ASN A 219 9.54 -8.63 -6.23
N SER A 220 10.69 -8.96 -5.63
CA SER A 220 11.92 -8.21 -5.83
C SER A 220 12.18 -7.85 -7.29
N GLY A 221 11.87 -8.76 -8.20
CA GLY A 221 12.10 -8.52 -9.62
C GLY A 221 11.25 -7.40 -10.19
N ILE A 222 9.99 -7.33 -9.76
CA ILE A 222 9.11 -6.25 -10.17
C ILE A 222 9.64 -4.90 -9.70
N VAL A 223 10.24 -4.91 -8.52
CA VAL A 223 10.75 -3.67 -7.95
C VAL A 223 11.92 -3.11 -8.76
N ARG A 224 12.83 -4.00 -9.18
CA ARG A 224 13.98 -3.63 -10.02
C ARG A 224 13.53 -3.04 -11.35
N ALA A 225 12.73 -3.82 -12.06
CA ALA A 225 12.12 -3.41 -13.31
C ALA A 225 11.49 -2.03 -13.18
N MET A 226 10.72 -1.84 -12.11
CA MET A 226 10.04 -0.58 -11.87
C MET A 226 11.06 0.55 -11.71
N ALA A 227 12.10 0.27 -10.92
CA ALA A 227 13.20 1.22 -10.69
C ALA A 227 13.91 1.63 -11.99
N ARG A 228 14.37 0.63 -12.73
CA ARG A 228 15.06 0.85 -13.99
C ARG A 228 14.21 1.74 -14.89
N GLU A 229 12.89 1.49 -14.87
CA GLU A 229 11.91 2.13 -15.75
C GLU A 229 11.57 3.60 -15.45
N ILE A 230 11.34 3.90 -14.17
CA ILE A 230 11.07 5.27 -13.73
C ILE A 230 12.40 6.02 -13.50
N ASN A 231 13.48 5.24 -13.41
CA ASN A 231 14.83 5.77 -13.27
C ASN A 231 15.13 6.36 -11.89
N THR A 232 14.59 5.73 -10.86
CA THR A 232 14.70 6.27 -9.51
C THR A 232 14.74 5.16 -8.46
N GLU A 233 15.63 5.30 -7.48
CA GLU A 233 15.71 4.38 -6.34
C GLU A 233 14.35 4.22 -5.69
N ILE A 234 13.95 2.97 -5.44
CA ILE A 234 12.65 2.67 -4.84
C ILE A 234 12.75 1.93 -3.51
N ILE A 235 12.08 2.47 -2.51
CA ILE A 235 12.06 1.85 -1.19
C ILE A 235 10.86 0.91 -1.03
N VAL A 236 11.16 -0.33 -0.70
CA VAL A 236 10.15 -1.30 -0.31
C VAL A 236 10.32 -1.61 1.17
N PRO A 237 9.64 -0.82 2.02
CA PRO A 237 9.65 -0.97 3.48
C PRO A 237 8.67 -2.03 3.95
N ASP A 238 8.74 -2.36 5.22
CA ASP A 238 7.78 -3.28 5.81
C ASP A 238 6.74 -2.45 6.55
N ILE A 239 5.51 -2.52 6.08
CA ILE A 239 4.41 -1.71 6.61
C ILE A 239 3.50 -2.52 7.57
N PRO A 240 3.47 -2.12 8.86
CA PRO A 240 2.76 -2.85 9.91
C PRO A 240 1.27 -2.64 9.83
N GLN A 241 0.50 -3.53 10.43
CA GLN A 241 -0.95 -3.47 10.32
C GLN A 241 -1.53 -2.15 10.80
N LEU A 242 -0.94 -1.60 11.87
CA LEU A 242 -1.49 -0.41 12.50
C LEU A 242 -1.05 0.89 11.82
N THR A 243 -0.83 0.81 10.52
CA THR A 243 -0.43 1.97 9.71
C THR A 243 -1.61 2.90 9.38
N GLY A 244 -2.78 2.31 9.21
CA GLY A 244 -3.98 3.08 8.94
C GLY A 244 -4.43 3.94 10.11
N ALA A 245 -4.49 3.35 11.31
CA ALA A 245 -4.84 4.09 12.54
C ALA A 245 -3.81 5.17 12.84
N LEU A 246 -2.56 4.85 12.56
CA LEU A 246 -1.46 5.77 12.74
C LEU A 246 -1.70 7.05 11.95
N GLY A 247 -2.01 6.88 10.66
CA GLY A 247 -2.28 8.03 9.81
C GLY A 247 -3.47 8.81 10.36
N ALA A 248 -4.44 8.09 10.91
CA ALA A 248 -5.61 8.71 11.52
C ALA A 248 -5.25 9.55 12.74
N ALA A 249 -4.38 9.01 13.60
CA ALA A 249 -3.94 9.77 14.77
C ALA A 249 -3.25 11.06 14.31
N LEU A 250 -2.62 10.99 13.15
CA LEU A 250 -1.93 12.14 12.58
C LEU A 250 -2.92 13.18 12.11
N TYR A 251 -3.98 12.75 11.42
CA TYR A 251 -5.01 13.68 11.00
C TYR A 251 -5.77 14.21 12.23
N ALA A 252 -5.98 13.34 13.22
CA ALA A 252 -6.61 13.74 14.49
C ALA A 252 -5.76 14.76 15.20
N PHE A 253 -4.57 15.01 14.68
CA PHE A 253 -3.59 15.88 15.32
C PHE A 253 -3.45 17.22 14.59
N ASP A 254 -3.53 17.24 13.26
CA ASP A 254 -3.69 18.50 12.53
C ASP A 254 -4.94 19.20 13.08
N GLU A 255 -5.85 18.38 13.62
CA GLU A 255 -7.18 18.81 14.01
C GLU A 255 -7.21 19.41 15.41
N ALA A 256 -6.50 18.77 16.33
CA ALA A 256 -6.34 19.29 17.67
C ALA A 256 -5.69 20.67 17.58
N LYS A 257 -4.78 20.81 16.62
CA LYS A 257 -4.03 22.05 16.45
C LYS A 257 -4.88 23.24 16.03
N GLU A 258 -5.95 22.98 15.28
CA GLU A 258 -6.74 24.05 14.72
C GLU A 258 -7.80 24.62 15.69
N SER A 259 -8.17 23.85 16.70
CA SER A 259 -9.08 24.35 17.73
C SER A 259 -8.49 25.60 18.39
N GLN A 260 -7.17 25.60 18.55
CA GLN A 260 -6.45 26.75 19.08
C GLN A 260 -6.04 27.73 17.97
FE2 SF4 B . -8.29 -6.22 -20.88
FE4 SF4 B . -6.29 -4.51 -20.80
S1 SF4 B . -6.22 -6.66 -20.03
S3 SF4 B . -8.53 -3.93 -20.94
#